data_8HHP
#
_entry.id   8HHP
#
_cell.length_a   60.500
_cell.length_b   60.500
_cell.length_c   162.260
_cell.angle_alpha   90.000
_cell.angle_beta   90.000
_cell.angle_gamma   90.000
#
_symmetry.space_group_name_H-M   'P 43 21 2'
#
loop_
_entity.id
_entity.type
_entity.pdbx_description
1 polymer 'Peroxisome proliferator-activated receptor gamma'
2 non-polymer '5-CHLORO-1-(4-CHLOROBENZYL)-3-(PHENYLTHIO)-1H-INDOLE-2-CARBOXYLIC ACID'
3 non-polymer '(2S)-2-(biphenyl-4-yloxy)-3-phenylpropanoic acid'
4 water water
#
_entity_poly.entity_id   1
_entity_poly.type   'polypeptide(L)'
_entity_poly.pdbx_seq_one_letter_code
;GALNPESADLRALAKHLYDSYIKSFPLTKAKARAILTGKTTDKSPFVIYDMNSLMMGEDKIKFKHITPLQEQSKEVAIRI
FQGCQFRSVEAVQEITEYAKSIPGFVNLDLNDQVTLLKYGVHEIIYTMLASLMNKDGVLISEGQGFMTREFLKSLRKPFG
DFMEPKFEFAVKFNALELDDSDLAIFIAVIILSGDRPGLLNVKPIEDIQDNLLQALELQLKLNHPESSQLFAKLLQKMTD
LRQIVTEHVQLLQVIKKTETDMSLHPLLQEIYKDLY
;
_entity_poly.pdbx_strand_id   A
#
# COMPACT_ATOMS: atom_id res chain seq x y z
N GLU A 6 -14.32 1.16 26.86
CA GLU A 6 -14.11 -0.18 27.40
C GLU A 6 -13.21 -1.03 26.51
N SER A 7 -12.36 -1.84 27.16
CA SER A 7 -11.56 -2.81 26.43
C SER A 7 -12.43 -3.78 25.63
N ALA A 8 -13.66 -4.02 26.08
CA ALA A 8 -14.56 -4.90 25.32
C ALA A 8 -15.02 -4.22 24.02
N ASP A 9 -15.31 -2.93 24.08
CA ASP A 9 -15.67 -2.23 22.86
C ASP A 9 -14.49 -2.18 21.88
N LEU A 10 -13.28 -1.90 22.38
CA LEU A 10 -12.11 -1.81 21.51
C LEU A 10 -11.80 -3.14 20.82
N ARG A 11 -11.86 -4.26 21.56
CA ARG A 11 -11.64 -5.57 20.95
C ARG A 11 -12.72 -5.88 19.93
N ALA A 12 -13.93 -5.36 20.13
CA ALA A 12 -14.97 -5.49 19.11
C ALA A 12 -14.56 -4.74 17.85
N LEU A 13 -14.12 -3.49 18.00
CA LEU A 13 -13.68 -2.71 16.85
C LEU A 13 -12.52 -3.39 16.13
N ALA A 14 -11.54 -3.90 16.87
CA ALA A 14 -10.43 -4.65 16.28
C ALA A 14 -10.95 -5.83 15.46
N LYS A 15 -11.85 -6.61 16.07
CA LYS A 15 -12.40 -7.80 15.42
C LYS A 15 -13.20 -7.43 14.18
N HIS A 16 -14.02 -6.38 14.27
CA HIS A 16 -14.77 -5.90 13.11
C HIS A 16 -13.83 -5.54 11.97
N LEU A 17 -12.79 -4.76 12.26
CA LEU A 17 -11.88 -4.32 11.21
C LEU A 17 -11.19 -5.51 10.56
N TYR A 18 -10.75 -6.46 11.38
CA TYR A 18 -10.07 -7.66 10.88
C TYR A 18 -10.95 -8.47 9.96
N ASP A 19 -12.18 -8.79 10.41
CA ASP A 19 -13.11 -9.54 9.57
C ASP A 19 -13.36 -8.80 8.25
N SER A 20 -13.47 -7.48 8.32
CA SER A 20 -13.69 -6.69 7.11
C SER A 20 -12.44 -6.68 6.24
N TYR A 21 -11.26 -6.58 6.86
CA TYR A 21 -10.00 -6.61 6.15
C TYR A 21 -9.80 -7.94 5.42
N ILE A 22 -10.04 -9.05 6.12
CA ILE A 22 -9.93 -10.37 5.51
C ILE A 22 -10.87 -10.48 4.32
N LYS A 23 -12.03 -9.83 4.40
CA LYS A 23 -13.02 -9.94 3.34
C LYS A 23 -12.62 -9.16 2.10
N SER A 24 -11.93 -8.01 2.25
CA SER A 24 -11.63 -7.14 1.12
C SER A 24 -10.29 -7.41 0.46
N PHE A 25 -9.33 -8.03 1.13
CA PHE A 25 -7.95 -8.05 0.64
C PHE A 25 -7.43 -9.48 0.50
N PRO A 26 -7.36 -10.02 -0.72
CA PRO A 26 -6.67 -11.31 -0.91
C PRO A 26 -5.20 -11.24 -0.55
N LEU A 27 -4.58 -10.07 -0.60
CA LEU A 27 -3.20 -9.92 -0.19
C LEU A 27 -3.19 -9.79 1.33
N THR A 28 -2.69 -10.81 2.00
CA THR A 28 -2.55 -10.76 3.44
C THR A 28 -1.09 -11.00 3.80
N LYS A 29 -0.67 -10.40 4.91
CA LYS A 29 0.68 -10.66 5.38
C LYS A 29 0.90 -12.15 5.58
N ALA A 30 -0.08 -12.83 6.19
CA ALA A 30 0.05 -14.26 6.44
C ALA A 30 0.39 -15.03 5.16
N LYS A 31 -0.40 -14.80 4.09
CA LYS A 31 -0.14 -15.52 2.85
C LYS A 31 1.22 -15.14 2.27
N ALA A 32 1.50 -13.83 2.17
CA ALA A 32 2.82 -13.39 1.70
C ALA A 32 3.95 -14.02 2.51
N ARG A 33 3.85 -13.95 3.84
CA ARG A 33 4.88 -14.54 4.68
C ARG A 33 4.97 -16.05 4.48
N ALA A 34 3.83 -16.70 4.21
CA ALA A 34 3.87 -18.14 3.99
C ALA A 34 4.66 -18.47 2.73
N ILE A 35 4.60 -17.61 1.72
CA ILE A 35 5.36 -17.83 0.50
C ILE A 35 6.84 -17.52 0.69
N LEU A 36 7.18 -16.50 1.49
CA LEU A 36 8.58 -16.16 1.73
C LEU A 36 9.23 -17.06 2.78
N THR A 37 8.43 -17.86 3.48
CA THR A 37 8.96 -18.80 4.47
C THR A 37 9.27 -20.16 3.85
N GLY A 38 8.63 -20.51 2.73
CA GLY A 38 8.79 -21.79 2.10
C GLY A 38 7.63 -22.74 2.28
N LYS A 39 6.53 -22.27 2.86
CA LYS A 39 5.38 -23.12 3.17
C LYS A 39 4.51 -23.41 1.94
N SER A 44 10.20 -22.16 -5.37
CA SER A 44 8.97 -22.30 -6.14
C SER A 44 8.71 -21.08 -7.06
N PRO A 45 8.80 -19.84 -6.56
CA PRO A 45 8.54 -18.69 -7.44
C PRO A 45 9.72 -18.45 -8.37
N PHE A 46 9.43 -18.14 -9.63
CA PHE A 46 10.49 -17.83 -10.59
C PHE A 46 10.98 -16.39 -10.38
N VAL A 47 12.24 -16.17 -10.70
CA VAL A 47 12.96 -14.98 -10.30
C VAL A 47 13.30 -14.15 -11.53
N ILE A 48 12.85 -12.90 -11.52
CA ILE A 48 13.22 -11.93 -12.53
C ILE A 48 14.32 -11.08 -11.92
N TYR A 49 15.55 -11.31 -12.31
CA TYR A 49 16.68 -10.55 -11.82
C TYR A 49 17.41 -9.81 -12.91
N ASP A 50 17.04 -9.98 -14.18
CA ASP A 50 17.60 -9.18 -15.26
C ASP A 50 16.66 -9.21 -16.46
N MET A 51 17.12 -8.59 -17.55
CA MET A 51 16.32 -8.52 -18.77
C MET A 51 16.00 -9.92 -19.31
N ASN A 52 17.03 -10.77 -19.45
CA ASN A 52 16.79 -12.14 -19.92
C ASN A 52 15.76 -12.85 -19.07
N SER A 53 15.89 -12.81 -17.75
CA SER A 53 14.98 -13.54 -16.90
C SER A 53 13.60 -12.89 -16.85
N LEU A 54 13.51 -11.59 -17.10
CA LEU A 54 12.20 -10.95 -17.20
C LEU A 54 11.41 -11.51 -18.37
N MET A 55 12.00 -11.51 -19.56
CA MET A 55 11.35 -12.06 -20.75
C MET A 55 10.89 -13.50 -20.52
N MET A 56 11.75 -14.35 -19.94
CA MET A 56 11.30 -15.69 -19.56
C MET A 56 10.10 -15.64 -18.61
N GLY A 57 10.07 -14.68 -17.68
CA GLY A 57 9.05 -14.66 -16.66
C GLY A 57 7.73 -14.04 -17.06
N GLU A 58 7.76 -13.01 -17.92
CA GLU A 58 6.53 -12.36 -18.38
C GLU A 58 5.56 -13.37 -18.96
N ASP A 59 6.08 -14.40 -19.62
CA ASP A 59 5.23 -15.45 -20.16
C ASP A 59 4.45 -16.14 -19.04
N LYS A 60 5.15 -16.51 -17.96
CA LYS A 60 4.58 -17.25 -16.83
C LYS A 60 3.77 -16.36 -15.87
N ILE A 61 3.42 -15.13 -16.26
CA ILE A 61 2.50 -14.27 -15.51
C ILE A 61 1.52 -13.59 -16.47
N ILE A 66 -5.31 -9.87 -20.24
CA ILE A 66 -4.58 -9.91 -21.49
C ILE A 66 -4.19 -8.50 -21.90
N THR A 67 -2.97 -8.35 -22.46
CA THR A 67 -2.53 -7.02 -22.85
C THR A 67 -2.50 -6.91 -24.36
N PRO A 68 -2.91 -5.77 -24.91
CA PRO A 68 -2.86 -5.60 -26.37
C PRO A 68 -1.43 -5.61 -26.91
N LEU A 69 -1.29 -6.05 -28.16
CA LEU A 69 0.03 -6.16 -28.78
C LEU A 69 0.76 -4.82 -28.79
N GLN A 70 0.01 -3.72 -28.95
CA GLN A 70 0.64 -2.41 -28.95
C GLN A 70 1.30 -2.12 -27.62
N GLU A 71 0.67 -2.54 -26.52
CA GLU A 71 1.25 -2.35 -25.21
C GLU A 71 2.43 -3.29 -24.99
N GLN A 72 2.35 -4.51 -25.52
CA GLN A 72 3.42 -5.49 -25.36
C GLN A 72 4.70 -5.09 -26.09
N SER A 73 4.62 -4.23 -27.09
CA SER A 73 5.80 -3.89 -27.88
C SER A 73 6.53 -2.68 -27.32
N LYS A 74 6.23 -2.33 -26.10
CA LYS A 74 6.79 -1.14 -25.49
C LYS A 74 8.00 -1.51 -24.63
N GLU A 75 8.78 -0.47 -24.35
CA GLU A 75 9.92 -0.56 -23.46
C GLU A 75 9.62 -1.37 -22.20
N VAL A 76 10.62 -2.14 -21.76
CA VAL A 76 10.53 -2.95 -20.55
C VAL A 76 10.14 -2.09 -19.36
N ALA A 77 10.88 -1.01 -19.13
CA ALA A 77 10.57 -0.16 -18.00
C ALA A 77 9.13 0.31 -18.05
N ILE A 78 8.70 0.80 -19.21
CA ILE A 78 7.31 1.27 -19.34
C ILE A 78 6.34 0.14 -19.04
N ARG A 79 6.63 -1.05 -19.53
CA ARG A 79 5.70 -2.16 -19.38
C ARG A 79 5.55 -2.58 -17.92
N ILE A 80 6.64 -2.50 -17.15
CA ILE A 80 6.57 -2.98 -15.77
C ILE A 80 5.67 -2.07 -14.94
N PHE A 81 5.78 -0.75 -15.12
CA PHE A 81 4.95 0.18 -14.39
C PHE A 81 3.58 0.38 -15.02
N GLN A 82 3.40 -0.01 -16.26
CA GLN A 82 2.06 -0.04 -16.79
C GLN A 82 1.26 -1.16 -16.19
N GLY A 83 1.94 -2.28 -15.87
CA GLY A 83 1.25 -3.46 -15.42
C GLY A 83 0.99 -3.47 -13.93
N CYS A 84 1.86 -2.83 -13.17
CA CYS A 84 1.61 -2.65 -11.75
C CYS A 84 0.36 -1.82 -11.54
N GLN A 85 0.11 -0.90 -12.46
CA GLN A 85 -1.08 -0.05 -12.43
C GLN A 85 -2.35 -0.89 -12.26
N PHE A 86 -2.41 -2.04 -12.92
CA PHE A 86 -3.61 -2.88 -12.85
C PHE A 86 -3.88 -3.30 -11.40
N ARG A 87 -2.90 -3.91 -10.74
CA ARG A 87 -3.08 -4.22 -9.32
C ARG A 87 -3.27 -2.95 -8.49
N SER A 88 -2.66 -1.84 -8.89
CA SER A 88 -2.86 -0.58 -8.17
C SER A 88 -4.31 -0.14 -8.12
N VAL A 89 -4.95 -0.02 -9.29
CA VAL A 89 -6.33 0.48 -9.28
C VAL A 89 -7.24 -0.49 -8.56
N GLU A 90 -7.00 -1.80 -8.68
CA GLU A 90 -7.80 -2.74 -7.91
C GLU A 90 -7.63 -2.51 -6.42
N ALA A 91 -6.39 -2.25 -5.98
CA ALA A 91 -6.13 -1.94 -4.58
C ALA A 91 -6.96 -0.74 -4.12
N VAL A 92 -6.94 0.36 -4.90
CA VAL A 92 -7.72 1.55 -4.58
C VAL A 92 -9.21 1.24 -4.42
N GLN A 93 -9.74 0.28 -5.20
CA GLN A 93 -11.17 -0.04 -5.07
C GLN A 93 -11.43 -0.86 -3.81
N GLU A 94 -10.64 -1.92 -3.60
CA GLU A 94 -10.82 -2.71 -2.40
CA GLU A 94 -10.77 -2.73 -2.39
C GLU A 94 -10.50 -1.89 -1.15
N ILE A 95 -9.49 -1.01 -1.23
CA ILE A 95 -9.22 -0.13 -0.09
C ILE A 95 -10.42 0.78 0.16
N THR A 96 -11.00 1.33 -0.90
CA THR A 96 -12.17 2.19 -0.74
C THR A 96 -13.30 1.46 -0.03
N GLU A 97 -13.54 0.20 -0.40
CA GLU A 97 -14.64 -0.55 0.20
CA GLU A 97 -14.64 -0.55 0.21
C GLU A 97 -14.33 -0.86 1.66
N TYR A 98 -13.07 -1.16 1.97
CA TYR A 98 -12.71 -1.40 3.36
C TYR A 98 -12.93 -0.14 4.19
N ALA A 99 -12.56 1.01 3.64
CA ALA A 99 -12.79 2.28 4.34
C ALA A 99 -14.24 2.44 4.75
N LYS A 100 -15.17 2.10 3.85
CA LYS A 100 -16.58 2.33 4.13
C LYS A 100 -17.05 1.50 5.31
N SER A 101 -16.48 0.32 5.49
CA SER A 101 -16.73 -0.55 6.63
C SER A 101 -16.09 -0.09 7.94
N ILE A 102 -15.39 1.05 7.97
CA ILE A 102 -14.84 1.58 9.20
C ILE A 102 -15.92 2.41 9.90
N PRO A 103 -16.29 2.08 11.13
CA PRO A 103 -17.39 2.79 11.81
C PRO A 103 -17.24 4.31 11.82
N GLY A 104 -18.29 5.00 11.32
CA GLY A 104 -18.30 6.44 11.25
C GLY A 104 -17.97 7.00 9.87
N PHE A 105 -17.21 6.25 9.05
CA PHE A 105 -16.68 6.81 7.81
C PHE A 105 -17.79 7.21 6.85
N VAL A 106 -18.75 6.33 6.62
CA VAL A 106 -19.81 6.62 5.65
C VAL A 106 -20.63 7.82 6.11
N ASN A 107 -20.48 8.22 7.37
CA ASN A 107 -21.20 9.35 7.92
C ASN A 107 -20.45 10.67 7.79
N LEU A 108 -19.16 10.64 7.50
CA LEU A 108 -18.42 11.83 7.12
C LEU A 108 -19.02 12.48 5.88
N ASP A 109 -18.72 13.76 5.67
CA ASP A 109 -19.15 14.43 4.45
C ASP A 109 -18.44 13.81 3.24
N LEU A 110 -19.20 13.59 2.16
CA LEU A 110 -18.67 12.87 1.00
C LEU A 110 -17.44 13.54 0.41
N ASN A 111 -17.36 14.87 0.50
CA ASN A 111 -16.16 15.55 0.06
C ASN A 111 -14.96 15.16 0.93
N ASP A 112 -15.18 15.04 2.24
CA ASP A 112 -14.15 14.59 3.16
C ASP A 112 -13.86 13.10 3.02
N GLN A 113 -14.86 12.30 2.65
CA GLN A 113 -14.61 10.90 2.37
C GLN A 113 -13.63 10.74 1.21
N VAL A 114 -13.89 11.45 0.11
CA VAL A 114 -13.02 11.39 -1.07
C VAL A 114 -11.62 11.90 -0.74
N THR A 115 -11.52 12.89 0.18
CA THR A 115 -10.23 13.52 0.44
C THR A 115 -9.32 12.62 1.26
N LEU A 116 -9.86 12.01 2.32
CA LEU A 116 -9.10 11.03 3.09
C LEU A 116 -8.62 9.90 2.21
N LEU A 117 -9.45 9.49 1.27
CA LEU A 117 -9.14 8.33 0.46
C LEU A 117 -8.12 8.64 -0.63
N LYS A 118 -8.18 9.85 -1.19
CA LYS A 118 -7.15 10.21 -2.17
C LYS A 118 -5.78 10.34 -1.50
N TYR A 119 -5.75 10.84 -0.27
CA TYR A 119 -4.48 10.98 0.42
C TYR A 119 -3.98 9.67 1.03
N GLY A 120 -4.85 8.68 1.18
CA GLY A 120 -4.53 7.57 2.03
C GLY A 120 -4.26 6.28 1.30
N VAL A 121 -4.81 6.13 0.08
CA VAL A 121 -4.83 4.83 -0.55
C VAL A 121 -3.42 4.36 -0.84
N HIS A 122 -2.54 5.26 -1.28
CA HIS A 122 -1.22 4.76 -1.66
C HIS A 122 -0.34 4.48 -0.45
N GLU A 123 -0.52 5.23 0.63
CA GLU A 123 0.13 4.88 1.89
C GLU A 123 -0.25 3.48 2.34
N ILE A 124 -1.53 3.13 2.17
CA ILE A 124 -1.96 1.78 2.50
C ILE A 124 -1.39 0.77 1.51
N ILE A 125 -1.41 1.10 0.23
CA ILE A 125 -0.88 0.19 -0.78
C ILE A 125 0.56 -0.15 -0.45
N TYR A 126 1.35 0.86 -0.09
CA TYR A 126 2.74 0.61 0.22
C TYR A 126 2.87 -0.20 1.51
N THR A 127 2.04 0.11 2.50
CA THR A 127 2.02 -0.69 3.72
C THR A 127 1.78 -2.15 3.40
N MET A 128 0.82 -2.44 2.50
CA MET A 128 0.51 -3.83 2.16
C MET A 128 1.58 -4.43 1.26
N LEU A 129 2.15 -3.60 0.37
CA LEU A 129 3.26 -4.00 -0.48
C LEU A 129 4.46 -4.50 0.32
N ALA A 130 4.71 -3.88 1.48
CA ALA A 130 5.85 -4.27 2.32
C ALA A 130 5.81 -5.75 2.69
N SER A 131 4.60 -6.30 2.91
CA SER A 131 4.45 -7.74 3.18
C SER A 131 5.10 -8.61 2.11
N LEU A 132 5.14 -8.14 0.84
CA LEU A 132 5.70 -8.87 -0.28
C LEU A 132 7.18 -8.55 -0.55
N MET A 133 7.79 -7.63 0.18
CA MET A 133 9.19 -7.31 -0.07
C MET A 133 10.11 -7.82 1.03
N ASN A 134 11.35 -8.10 0.63
CA ASN A 134 12.46 -8.24 1.54
C ASN A 134 13.54 -7.31 1.04
N LYS A 135 14.74 -7.43 1.59
CA LYS A 135 15.81 -6.51 1.23
C LYS A 135 16.35 -6.78 -0.18
N ASP A 136 15.90 -7.86 -0.82
CA ASP A 136 16.41 -8.27 -2.11
C ASP A 136 15.41 -8.21 -3.26
N GLY A 137 14.11 -8.17 -2.99
CA GLY A 137 13.14 -8.24 -4.06
C GLY A 137 11.72 -8.19 -3.53
N VAL A 138 10.77 -8.47 -4.42
CA VAL A 138 9.36 -8.32 -4.11
C VAL A 138 8.61 -9.46 -4.79
N LEU A 139 7.68 -10.08 -4.05
CA LEU A 139 6.81 -11.10 -4.62
C LEU A 139 5.86 -10.45 -5.58
N ILE A 140 5.77 -10.98 -6.81
CA ILE A 140 4.90 -10.43 -7.83
C ILE A 140 3.95 -11.51 -8.29
N SER A 141 2.87 -11.07 -8.95
CA SER A 141 1.95 -12.00 -9.61
C SER A 141 1.34 -12.94 -8.58
N GLU A 142 0.69 -12.34 -7.59
CA GLU A 142 0.07 -13.05 -6.47
C GLU A 142 1.00 -14.12 -5.91
N GLY A 143 2.28 -13.79 -5.78
CA GLY A 143 3.24 -14.69 -5.16
C GLY A 143 3.89 -15.69 -6.07
N GLN A 144 3.47 -15.77 -7.34
CA GLN A 144 4.06 -16.73 -8.28
C GLN A 144 5.49 -16.37 -8.65
N GLY A 145 5.83 -15.07 -8.70
CA GLY A 145 7.16 -14.64 -9.11
C GLY A 145 7.85 -13.75 -8.07
N PHE A 146 9.14 -13.51 -8.31
CA PHE A 146 9.97 -12.70 -7.43
C PHE A 146 10.87 -11.81 -8.28
N MET A 147 10.68 -10.50 -8.18
CA MET A 147 11.47 -9.55 -8.94
C MET A 147 12.44 -8.82 -8.02
N THR A 148 13.72 -8.77 -8.41
CA THR A 148 14.73 -8.32 -7.47
C THR A 148 14.82 -6.80 -7.42
N ARG A 149 15.29 -6.33 -6.26
CA ARG A 149 15.41 -4.89 -6.03
C ARG A 149 16.50 -4.27 -6.89
N GLU A 150 17.59 -4.99 -7.13
CA GLU A 150 18.65 -4.46 -7.98
C GLU A 150 18.22 -4.42 -9.44
N PHE A 151 17.42 -5.39 -9.89
CA PHE A 151 16.96 -5.28 -11.27
C PHE A 151 16.03 -4.09 -11.45
N LEU A 152 15.16 -3.82 -10.46
CA LEU A 152 14.36 -2.61 -10.53
C LEU A 152 15.23 -1.36 -10.53
N LYS A 153 16.27 -1.34 -9.70
CA LYS A 153 17.19 -0.21 -9.67
C LYS A 153 17.91 0.00 -11.01
N SER A 154 18.17 -1.09 -11.74
CA SER A 154 18.82 -1.03 -13.04
C SER A 154 17.93 -0.55 -14.17
N LEU A 155 16.64 -0.27 -13.93
CA LEU A 155 15.82 0.18 -15.04
C LEU A 155 16.25 1.56 -15.49
N ARG A 156 15.97 1.86 -16.75
CA ARG A 156 16.25 3.16 -17.33
C ARG A 156 15.76 4.30 -16.44
N LYS A 157 16.59 5.33 -16.29
CA LYS A 157 16.15 6.49 -15.54
C LYS A 157 15.00 7.19 -16.29
N PRO A 158 13.97 7.66 -15.57
CA PRO A 158 13.86 7.68 -14.12
C PRO A 158 13.18 6.46 -13.51
N PHE A 159 12.92 5.42 -14.30
CA PHE A 159 12.18 4.28 -13.78
C PHE A 159 12.95 3.55 -12.67
N GLY A 160 14.28 3.52 -12.75
CA GLY A 160 15.04 2.79 -11.74
C GLY A 160 14.89 3.34 -10.33
N ASP A 161 14.28 4.50 -10.16
CA ASP A 161 14.18 5.16 -8.86
C ASP A 161 12.79 5.06 -8.24
N PHE A 162 11.84 4.39 -8.89
CA PHE A 162 10.48 4.36 -8.38
C PHE A 162 10.40 3.58 -7.07
N MET A 163 10.98 2.39 -7.04
CA MET A 163 10.69 1.41 -6.01
C MET A 163 11.66 1.46 -4.83
N GLU A 164 12.87 1.96 -5.05
CA GLU A 164 13.89 1.85 -4.02
C GLU A 164 13.46 2.42 -2.67
N PRO A 165 12.78 3.57 -2.58
CA PRO A 165 12.32 4.02 -1.25
C PRO A 165 11.19 3.19 -0.64
N LYS A 166 10.49 2.38 -1.42
CA LYS A 166 9.51 1.47 -0.82
C LYS A 166 10.21 0.29 -0.17
N PHE A 167 11.30 -0.18 -0.80
CA PHE A 167 12.14 -1.22 -0.21
C PHE A 167 12.75 -0.75 1.11
N GLU A 168 13.24 0.49 1.17
CA GLU A 168 13.88 0.97 2.39
C GLU A 168 12.89 1.07 3.53
N PHE A 169 11.66 1.46 3.22
CA PHE A 169 10.59 1.45 4.22
C PHE A 169 10.24 0.02 4.62
N ALA A 170 10.05 -0.87 3.64
CA ALA A 170 9.57 -2.22 3.91
C ALA A 170 10.53 -3.00 4.82
N VAL A 171 11.84 -2.88 4.60
CA VAL A 171 12.79 -3.52 5.49
C VAL A 171 12.58 -3.05 6.93
N LYS A 172 12.32 -1.76 7.14
CA LYS A 172 12.09 -1.26 8.49
C LYS A 172 10.69 -1.60 8.98
N PHE A 173 9.68 -1.45 8.11
CA PHE A 173 8.32 -1.78 8.53
C PHE A 173 8.20 -3.26 8.87
N ASN A 174 8.78 -4.13 8.04
CA ASN A 174 8.74 -5.56 8.30
C ASN A 174 9.47 -5.92 9.61
N ALA A 175 10.53 -5.17 9.95
CA ALA A 175 11.24 -5.47 11.20
C ALA A 175 10.35 -5.39 12.43
N LEU A 176 9.12 -4.86 12.32
CA LEU A 176 8.20 -4.79 13.45
C LEU A 176 7.30 -6.01 13.58
N GLU A 177 7.28 -6.88 12.57
CA GLU A 177 6.59 -8.18 12.64
C GLU A 177 5.09 -8.03 12.99
N LEU A 178 4.43 -7.09 12.35
CA LEU A 178 2.99 -6.98 12.52
C LEU A 178 2.25 -8.19 11.92
N ASP A 179 1.09 -8.50 12.53
CA ASP A 179 0.09 -9.42 12.02
C ASP A 179 -0.91 -8.65 11.16
N ASP A 180 -1.73 -9.41 10.41
CA ASP A 180 -2.84 -8.80 9.69
C ASP A 180 -3.82 -8.15 10.65
N SER A 181 -4.07 -8.79 11.79
CA SER A 181 -4.96 -8.17 12.77
C SER A 181 -4.42 -6.84 13.26
N ASP A 182 -3.08 -6.69 13.31
CA ASP A 182 -2.52 -5.36 13.58
C ASP A 182 -2.76 -4.43 12.41
N LEU A 183 -2.49 -4.90 11.20
CA LEU A 183 -2.53 -4.01 10.05
C LEU A 183 -3.93 -3.53 9.76
N ALA A 184 -4.94 -4.34 10.08
CA ALA A 184 -6.33 -3.92 9.87
C ALA A 184 -6.63 -2.62 10.58
N ILE A 185 -6.12 -2.45 11.80
CA ILE A 185 -6.36 -1.21 12.55
C ILE A 185 -5.44 -0.10 12.04
N PHE A 186 -4.16 -0.42 11.83
CA PHE A 186 -3.21 0.59 11.40
C PHE A 186 -3.65 1.25 10.09
N ILE A 187 -4.17 0.46 9.13
CA ILE A 187 -4.55 1.12 7.89
C ILE A 187 -5.83 1.94 8.08
N ALA A 188 -6.73 1.53 8.98
CA ALA A 188 -7.89 2.38 9.26
C ALA A 188 -7.45 3.71 9.84
N VAL A 189 -6.45 3.68 10.73
CA VAL A 189 -5.88 4.89 11.31
C VAL A 189 -5.38 5.83 10.21
N ILE A 190 -4.70 5.27 9.19
CA ILE A 190 -4.13 6.10 8.13
C ILE A 190 -5.23 6.84 7.38
N ILE A 191 -6.33 6.15 7.07
CA ILE A 191 -7.39 6.78 6.28
C ILE A 191 -7.98 7.95 7.04
N LEU A 192 -8.19 7.78 8.35
CA LEU A 192 -8.83 8.79 9.19
C LEU A 192 -7.82 9.73 9.82
N SER A 193 -6.96 10.30 9.00
CA SER A 193 -6.02 11.32 9.41
C SER A 193 -6.62 12.71 9.19
N GLY A 194 -6.87 13.43 10.27
CA GLY A 194 -7.54 14.72 10.30
C GLY A 194 -6.81 15.88 9.68
N ASP A 195 -5.55 15.70 9.30
CA ASP A 195 -4.72 16.79 8.82
C ASP A 195 -4.44 16.71 7.31
N ARG A 196 -5.17 15.89 6.57
CA ARG A 196 -5.06 15.96 5.12
C ARG A 196 -5.56 17.32 4.62
N PRO A 197 -5.00 17.81 3.52
CA PRO A 197 -5.42 19.12 3.01
C PRO A 197 -6.85 19.09 2.49
N GLY A 198 -7.60 20.15 2.76
CA GLY A 198 -8.89 20.32 2.17
C GLY A 198 -10.03 19.72 2.96
N LEU A 199 -9.76 19.19 4.14
CA LEU A 199 -10.84 18.63 4.94
C LEU A 199 -11.65 19.75 5.57
N LEU A 200 -12.97 19.69 5.39
CA LEU A 200 -13.85 20.71 5.93
C LEU A 200 -14.06 20.49 7.43
N ASN A 201 -14.52 19.30 7.81
CA ASN A 201 -14.79 18.93 9.20
C ASN A 201 -13.62 18.11 9.74
N VAL A 202 -12.68 18.76 10.42
CA VAL A 202 -11.56 17.98 10.95
C VAL A 202 -12.01 17.14 12.15
N LYS A 203 -12.89 17.65 12.99
CA LYS A 203 -13.01 17.01 14.29
C LYS A 203 -13.81 15.70 14.28
N PRO A 204 -14.86 15.54 13.46
CA PRO A 204 -15.45 14.19 13.37
C PRO A 204 -14.47 13.15 12.87
N ILE A 205 -13.53 13.53 12.01
CA ILE A 205 -12.48 12.62 11.57
C ILE A 205 -11.56 12.27 12.75
N GLU A 206 -11.04 13.29 13.43
CA GLU A 206 -10.22 13.02 14.61
C GLU A 206 -11.00 12.22 15.64
N ASP A 207 -12.31 12.42 15.72
CA ASP A 207 -13.13 11.66 16.67
C ASP A 207 -13.01 10.15 16.40
N ILE A 208 -13.06 9.73 15.14
CA ILE A 208 -12.97 8.30 14.83
C ILE A 208 -11.55 7.79 15.02
N GLN A 209 -10.55 8.57 14.61
CA GLN A 209 -9.16 8.10 14.66
C GLN A 209 -8.69 7.91 16.09
N ASP A 210 -8.93 8.91 16.94
CA ASP A 210 -8.61 8.76 18.36
C ASP A 210 -9.20 7.48 18.91
N ASN A 211 -10.43 7.16 18.56
CA ASN A 211 -10.97 5.87 18.98
C ASN A 211 -10.27 4.70 18.28
N LEU A 212 -9.77 4.91 17.06
CA LEU A 212 -9.01 3.83 16.40
C LEU A 212 -7.61 3.71 17.00
N LEU A 213 -7.01 4.83 17.41
CA LEU A 213 -5.72 4.75 18.09
C LEU A 213 -5.83 3.99 19.41
N GLN A 214 -6.99 4.04 20.06
CA GLN A 214 -7.16 3.24 21.27
C GLN A 214 -7.21 1.76 20.92
N ALA A 215 -8.01 1.41 19.91
CA ALA A 215 -8.05 0.02 19.45
C ALA A 215 -6.64 -0.46 19.05
N LEU A 216 -5.92 0.33 18.28
CA LEU A 216 -4.56 -0.08 17.88
C LEU A 216 -3.65 -0.25 19.10
N GLU A 217 -3.69 0.71 20.04
CA GLU A 217 -2.90 0.55 21.26
C GLU A 217 -3.27 -0.71 22.02
N LEU A 218 -4.56 -0.90 22.29
CA LEU A 218 -4.97 -2.15 22.91
C LEU A 218 -4.46 -3.35 22.11
N GLN A 219 -4.60 -3.30 20.77
CA GLN A 219 -4.23 -4.45 19.95
C GLN A 219 -2.73 -4.76 20.03
N LEU A 220 -1.88 -3.74 20.12
CA LEU A 220 -0.45 -4.02 20.19
C LEU A 220 -0.06 -4.57 21.55
N LYS A 221 -0.66 -4.06 22.64
CA LYS A 221 -0.36 -4.58 23.97
C LYS A 221 -0.77 -6.04 24.09
N LEU A 222 -1.85 -6.45 23.41
CA LEU A 222 -2.29 -7.83 23.44
C LEU A 222 -1.54 -8.71 22.45
N ASN A 223 -1.16 -8.17 21.31
CA ASN A 223 -0.50 -9.01 20.33
C ASN A 223 1.00 -8.98 20.45
N HIS A 224 1.58 -7.96 21.10
CA HIS A 224 3.03 -7.79 21.24
C HIS A 224 3.37 -7.39 22.68
N PRO A 225 3.17 -8.31 23.64
CA PRO A 225 3.25 -7.93 25.06
C PRO A 225 4.64 -7.55 25.55
N GLU A 226 5.71 -8.11 24.96
CA GLU A 226 7.05 -7.77 25.42
C GLU A 226 7.70 -6.66 24.60
N SER A 227 6.90 -5.88 23.89
CA SER A 227 7.44 -4.80 23.06
C SER A 227 6.64 -3.53 23.40
N SER A 228 7.26 -2.69 24.24
CA SER A 228 6.57 -1.62 24.93
C SER A 228 6.34 -0.38 24.05
N GLN A 229 7.25 -0.05 23.17
CA GLN A 229 7.08 1.15 22.37
C GLN A 229 6.75 0.85 20.92
N LEU A 230 6.12 -0.32 20.67
CA LEU A 230 5.79 -0.67 19.27
C LEU A 230 4.79 0.32 18.69
N PHE A 231 3.76 0.68 19.48
CA PHE A 231 2.82 1.72 19.08
C PHE A 231 3.55 2.96 18.56
N ALA A 232 4.46 3.51 19.37
CA ALA A 232 5.22 4.69 18.96
C ALA A 232 5.93 4.47 17.63
N LYS A 233 6.61 3.33 17.48
CA LYS A 233 7.32 3.04 16.23
C LYS A 233 6.34 2.96 15.06
N LEU A 234 5.16 2.44 15.33
CA LEU A 234 4.23 2.21 14.24
C LEU A 234 3.70 3.56 13.73
N LEU A 235 3.30 4.42 14.66
CA LEU A 235 2.74 5.72 14.32
C LEU A 235 3.75 6.57 13.57
N GLN A 236 5.04 6.36 13.83
CA GLN A 236 6.02 7.16 13.15
C GLN A 236 6.14 6.74 11.69
N LYS A 237 5.88 5.44 11.39
CA LYS A 237 5.96 4.96 10.02
C LYS A 237 5.01 5.71 9.08
N MET A 238 3.96 6.32 9.64
CA MET A 238 3.07 7.17 8.85
C MET A 238 3.79 8.38 8.26
N THR A 239 4.83 8.89 8.93
CA THR A 239 5.68 9.91 8.33
C THR A 239 6.46 9.35 7.15
N ASP A 240 7.03 8.15 7.31
CA ASP A 240 7.69 7.50 6.19
C ASP A 240 6.75 7.41 4.99
N LEU A 241 5.47 7.11 5.24
CA LEU A 241 4.58 6.82 4.11
C LEU A 241 4.25 8.10 3.35
N ARG A 242 4.01 9.21 4.06
CA ARG A 242 3.81 10.49 3.40
C ARG A 242 5.01 10.89 2.54
N GLN A 243 6.23 10.58 3.00
CA GLN A 243 7.43 10.95 2.23
C GLN A 243 7.57 10.09 0.98
N ILE A 244 7.13 8.83 1.08
CA ILE A 244 7.20 7.94 -0.09
C ILE A 244 6.19 8.36 -1.14
N VAL A 245 4.98 8.71 -0.72
CA VAL A 245 4.00 9.23 -1.67
C VAL A 245 4.51 10.54 -2.27
N THR A 246 5.01 11.43 -1.42
CA THR A 246 5.51 12.72 -1.89
C THR A 246 6.57 12.53 -2.98
N GLU A 247 7.59 11.72 -2.69
CA GLU A 247 8.62 11.37 -3.67
C GLU A 247 8.02 10.75 -4.92
N HIS A 248 7.08 9.81 -4.74
CA HIS A 248 6.54 9.04 -5.87
C HIS A 248 5.83 9.95 -6.84
N VAL A 249 5.10 10.93 -6.32
CA VAL A 249 4.33 11.82 -7.17
C VAL A 249 5.25 12.74 -7.97
N GLN A 250 6.30 13.28 -7.32
CA GLN A 250 7.24 14.14 -8.02
C GLN A 250 7.87 13.38 -9.17
N LEU A 251 8.17 12.10 -8.95
CA LEU A 251 8.65 11.29 -10.04
C LEU A 251 7.61 11.17 -11.17
N LEU A 252 6.29 11.15 -10.88
CA LEU A 252 5.35 10.97 -11.99
C LEU A 252 5.39 12.11 -12.99
N GLN A 253 5.84 13.31 -12.58
CA GLN A 253 5.81 14.43 -13.51
C GLN A 253 7.02 14.40 -14.42
N VAL A 254 8.17 14.02 -13.90
CA VAL A 254 9.28 13.74 -14.80
C VAL A 254 8.83 12.74 -15.85
N ILE A 255 7.92 11.83 -15.48
CA ILE A 255 7.42 10.85 -16.42
C ILE A 255 6.43 11.48 -17.40
N LYS A 256 5.73 12.55 -16.98
CA LYS A 256 4.89 13.25 -17.95
C LYS A 256 5.72 14.06 -18.93
N LYS A 257 6.91 14.54 -18.51
CA LYS A 257 7.78 15.32 -19.38
C LYS A 257 8.67 14.44 -20.27
N THR A 258 9.15 13.31 -19.78
CA THR A 258 9.96 12.48 -20.67
C THR A 258 9.12 11.48 -21.46
N GLU A 259 8.15 10.85 -20.82
CA GLU A 259 7.32 9.83 -21.46
C GLU A 259 5.97 10.42 -21.81
N THR A 260 5.42 9.97 -22.94
CA THR A 260 4.13 10.44 -23.41
C THR A 260 3.18 9.28 -23.61
N ASP A 261 3.60 8.28 -24.39
CA ASP A 261 2.89 7.03 -24.63
C ASP A 261 2.59 6.24 -23.36
N MET A 262 3.28 6.54 -22.25
CA MET A 262 2.91 5.90 -21.00
C MET A 262 1.46 6.23 -20.66
N SER A 263 0.62 5.21 -20.72
CA SER A 263 -0.82 5.30 -20.49
C SER A 263 -1.11 5.23 -18.99
N LEU A 264 -1.14 6.40 -18.35
CA LEU A 264 -1.66 6.52 -16.99
C LEU A 264 -3.15 6.15 -16.94
N HIS A 265 -3.58 5.67 -15.80
CA HIS A 265 -4.97 5.30 -15.59
C HIS A 265 -5.76 6.50 -15.06
N PRO A 266 -6.94 6.79 -15.61
CA PRO A 266 -7.63 8.02 -15.20
C PRO A 266 -7.96 8.07 -13.73
N LEU A 267 -8.15 6.92 -13.09
CA LEU A 267 -8.37 6.98 -11.66
C LEU A 267 -7.10 7.42 -10.93
N LEU A 268 -5.94 6.94 -11.37
CA LEU A 268 -4.68 7.43 -10.81
C LEU A 268 -4.49 8.91 -11.12
N GLN A 269 -4.83 9.33 -12.36
CA GLN A 269 -4.80 10.75 -12.69
C GLN A 269 -5.65 11.56 -11.71
N GLU A 270 -6.88 11.10 -11.47
CA GLU A 270 -7.78 11.81 -10.56
C GLU A 270 -7.23 11.86 -9.13
N ILE A 271 -6.67 10.75 -8.65
CA ILE A 271 -6.13 10.73 -7.29
C ILE A 271 -4.99 11.73 -7.15
N TYR A 272 -4.09 11.74 -8.13
CA TYR A 272 -2.88 12.55 -8.12
C TYR A 272 -3.14 14.01 -8.54
N LYS A 273 -4.37 14.50 -8.41
CA LYS A 273 -4.70 15.89 -8.72
C LYS A 273 -4.73 16.71 -7.43
N ASP A 274 -3.93 17.77 -7.37
CA ASP A 274 -3.94 18.72 -6.27
C ASP A 274 -3.52 18.04 -4.96
N LEU A 275 -2.49 17.22 -5.06
CA LEU A 275 -2.08 16.34 -3.95
C LEU A 275 -0.58 16.54 -3.74
N TYR A 276 -0.21 17.11 -2.61
CA TYR A 276 1.17 17.39 -2.27
C TYR A 276 1.86 18.29 -3.29
#